data_3UVD
#
_entry.id   3UVD
#
_cell.length_a   30.200
_cell.length_b   29.890
_cell.length_c   67.060
_cell.angle_alpha   90.000
_cell.angle_beta   90.450
_cell.angle_gamma   90.000
#
_symmetry.space_group_name_H-M   'P 1 21 1'
#
loop_
_entity.id
_entity.type
_entity.pdbx_description
1 polymer 'Transcription activator BRG1'
2 non-polymer 1-methylpyrrolidin-2-one
3 water water
#
_entity_poly.entity_id   1
_entity_poly.type   'polypeptide(L)'
_entity_poly.pdbx_seq_one_letter_code
;SMAEKLSPNPPNLTKKMKKIVDAVIKYKDSSSGRQLSEVFIQLPSRKELPEYYELIRKPVDFKKIKERIRNHKYRSLNDL
EKDVMLLCQNAQTFNLEGSLIYEDSIVLQSVFTSVRQKIEKEDD
;
_entity_poly.pdbx_strand_id   A
#
loop_
_chem_comp.id
_chem_comp.type
_chem_comp.name
_chem_comp.formula
MB3 non-polymer 1-methylpyrrolidin-2-one 'C5 H9 N O'
#
# COMPACT_ATOMS: atom_id res chain seq x y z
N MET A 2 17.88 -20.21 0.11
CA MET A 2 17.88 -18.82 -0.45
C MET A 2 18.03 -17.74 0.65
N ALA A 3 17.10 -16.78 0.72
CA ALA A 3 17.22 -15.59 1.61
C ALA A 3 17.54 -15.93 3.07
N GLU A 4 18.32 -15.09 3.72
CA GLU A 4 18.63 -15.22 5.16
C GLU A 4 17.60 -14.45 5.99
N LYS A 5 17.00 -15.11 6.95
CA LYS A 5 16.02 -14.47 7.85
C LYS A 5 16.46 -13.08 8.42
N LEU A 6 15.55 -12.10 8.41
CA LEU A 6 15.79 -10.79 9.02
C LEU A 6 15.50 -10.83 10.52
N SER A 7 16.18 -10.01 11.30
CA SER A 7 15.81 -9.85 12.71
C SER A 7 14.37 -9.28 12.82
N PRO A 8 13.47 -9.98 13.52
CA PRO A 8 12.09 -9.48 13.73
C PRO A 8 12.05 -8.05 14.29
N ASN A 9 11.15 -7.24 13.78
CA ASN A 9 10.89 -5.93 14.38
C ASN A 9 10.39 -6.11 15.84
N PRO A 10 10.51 -5.05 16.68
CA PRO A 10 9.70 -5.03 17.88
C PRO A 10 8.23 -5.31 17.53
N PRO A 11 7.58 -6.24 18.26
CA PRO A 11 6.24 -6.69 17.86
C PRO A 11 5.25 -5.54 17.76
N ASN A 12 5.39 -4.56 18.65
CA ASN A 12 4.50 -3.40 18.66
C ASN A 12 4.57 -2.67 17.33
N LEU A 13 5.76 -2.65 16.74
CA LEU A 13 5.93 -1.96 15.47
C LEU A 13 5.23 -2.74 14.38
N THR A 14 5.32 -4.07 14.42
CA THR A 14 4.63 -4.93 13.43
C THR A 14 3.10 -4.80 13.52
N LYS A 15 2.60 -4.73 14.76
CA LYS A 15 1.17 -4.53 15.01
C LYS A 15 0.71 -3.16 14.51
N LYS A 16 1.52 -2.11 14.71
CA LYS A 16 1.18 -0.83 14.16
C LYS A 16 1.13 -0.84 12.60
N MET A 17 2.16 -1.42 12.00
CA MET A 17 2.18 -1.57 10.56
C MET A 17 0.89 -2.27 10.08
N LYS A 18 0.54 -3.41 10.66
CA LYS A 18 -0.64 -4.17 10.18
C LYS A 18 -1.95 -3.45 10.36
N LYS A 19 -2.10 -2.76 11.50
CA LYS A 19 -3.27 -1.95 11.80
C LYS A 19 -3.49 -0.88 10.76
N ILE A 20 -2.42 -0.21 10.38
CA ILE A 20 -2.48 0.90 9.47
C ILE A 20 -2.90 0.43 8.05
N VAL A 21 -2.24 -0.62 7.59
CA VAL A 21 -2.54 -1.14 6.24
C VAL A 21 -3.93 -1.76 6.21
N ASP A 22 -4.32 -2.43 7.28
CA ASP A 22 -5.71 -2.88 7.36
C ASP A 22 -6.75 -1.78 7.30
N ALA A 23 -6.58 -0.66 8.00
CA ALA A 23 -7.54 0.43 7.88
C ALA A 23 -7.59 1.03 6.50
N VAL A 24 -6.43 1.13 5.86
CA VAL A 24 -6.29 1.65 4.51
C VAL A 24 -7.04 0.74 3.54
N ILE A 25 -6.82 -0.54 3.69
CA ILE A 25 -7.44 -1.55 2.81
C ILE A 25 -8.95 -1.54 3.01
N LYS A 26 -9.41 -1.41 4.25
CA LYS A 26 -10.85 -1.44 4.55
C LYS A 26 -11.63 -0.21 4.16
N TYR A 27 -10.93 0.89 3.99
CA TYR A 27 -11.58 2.16 3.75
C TYR A 27 -12.56 2.10 2.59
N LYS A 28 -13.75 2.70 2.78
CA LYS A 28 -14.84 2.77 1.78
C LYS A 28 -15.26 4.23 1.46
N ASP A 29 -15.47 4.49 0.17
CA ASP A 29 -16.02 5.78 -0.30
C ASP A 29 -17.39 5.80 0.31
N SER A 30 -17.75 6.84 1.08
CA SER A 30 -19.08 6.86 1.75
C SER A 30 -20.30 6.85 0.81
N SER A 31 -20.15 7.30 -0.43
CA SER A 31 -21.26 7.32 -1.37
C SER A 31 -21.55 5.98 -2.08
N SER A 32 -20.51 5.38 -2.69
CA SER A 32 -20.68 4.17 -3.50
C SER A 32 -20.48 2.89 -2.68
N GLY A 33 -19.73 3.03 -1.60
CA GLY A 33 -19.27 1.89 -0.81
C GLY A 33 -18.09 1.17 -1.41
N ARG A 34 -17.53 1.71 -2.49
CA ARG A 34 -16.44 1.07 -3.23
C ARG A 34 -15.31 1.07 -2.21
N GLN A 35 -14.68 -0.08 -2.01
CA GLN A 35 -13.43 -0.15 -1.27
C GLN A 35 -12.35 0.36 -2.22
N LEU A 36 -11.81 1.56 -1.93
CA LEU A 36 -10.85 2.14 -2.84
C LEU A 36 -9.67 1.20 -3.17
N SER A 37 -9.29 0.44 -2.15
CA SER A 37 -8.11 -0.44 -2.16
C SER A 37 -8.26 -1.59 -3.08
N GLU A 38 -9.50 -1.90 -3.48
CA GLU A 38 -9.73 -3.21 -4.05
C GLU A 38 -8.92 -3.49 -5.32
N VAL A 39 -8.67 -2.45 -6.12
CA VAL A 39 -7.91 -2.65 -7.39
C VAL A 39 -6.39 -2.71 -7.21
N PHE A 40 -5.98 -2.34 -6.00
CA PHE A 40 -4.56 -2.24 -5.59
C PHE A 40 -4.14 -3.43 -4.76
N ILE A 41 -5.05 -4.37 -4.48
CA ILE A 41 -4.73 -5.55 -3.68
C ILE A 41 -3.72 -6.47 -4.35
N GLN A 42 -4.01 -6.78 -5.58
CA GLN A 42 -3.29 -7.78 -6.35
C GLN A 42 -3.02 -7.22 -7.72
N LEU A 43 -1.77 -6.86 -7.99
CA LEU A 43 -1.46 -6.34 -9.32
C LEU A 43 -1.70 -7.50 -10.35
N PRO A 44 -2.03 -7.18 -11.63
CA PRO A 44 -2.27 -8.24 -12.64
C PRO A 44 -0.94 -8.81 -13.12
N SER A 45 -0.98 -9.96 -13.79
CA SER A 45 0.27 -10.65 -14.16
C SER A 45 1.05 -9.84 -15.21
N ARG A 46 2.38 -10.04 -15.24
CA ARG A 46 3.18 -9.48 -16.31
C ARG A 46 2.75 -10.10 -17.63
N LYS A 47 2.34 -11.38 -17.61
CA LYS A 47 1.80 -12.02 -18.82
C LYS A 47 0.48 -11.35 -19.29
N GLU A 48 -0.44 -11.05 -18.37
CA GLU A 48 -1.73 -10.38 -18.70
C GLU A 48 -1.63 -8.87 -19.01
N LEU A 49 -0.71 -8.18 -18.34
CA LEU A 49 -0.55 -6.74 -18.52
C LEU A 49 0.94 -6.38 -18.67
N PRO A 50 1.59 -6.92 -19.71
CA PRO A 50 3.02 -6.69 -19.97
C PRO A 50 3.44 -5.21 -19.98
N GLU A 51 2.66 -4.38 -20.66
CA GLU A 51 2.89 -2.92 -20.69
C GLU A 51 2.98 -2.25 -19.30
N TYR A 52 2.32 -2.83 -18.30
CA TYR A 52 2.40 -2.27 -16.93
C TYR A 52 3.84 -2.32 -16.46
N TYR A 53 4.37 -3.53 -16.52
CA TYR A 53 5.71 -3.81 -16.00
C TYR A 53 6.82 -3.15 -16.86
N GLU A 54 6.45 -2.67 -18.05
CA GLU A 54 7.37 -1.94 -18.94
C GLU A 54 7.59 -0.52 -18.40
N LEU A 55 6.51 0.19 -18.15
CA LEU A 55 6.59 1.55 -17.57
C LEU A 55 6.88 1.59 -16.04
N ILE A 56 6.43 0.59 -15.28
CA ILE A 56 6.56 0.64 -13.81
C ILE A 56 7.66 -0.33 -13.33
N ARG A 57 8.77 0.24 -12.91
CA ARG A 57 9.96 -0.53 -12.58
C ARG A 57 9.94 -1.16 -11.19
N LYS A 58 9.20 -0.56 -10.26
CA LYS A 58 9.14 -1.06 -8.89
C LYS A 58 7.65 -1.19 -8.56
N PRO A 59 7.00 -2.26 -9.04
CA PRO A 59 5.60 -2.42 -8.79
C PRO A 59 5.34 -2.84 -7.36
N VAL A 60 4.18 -2.48 -6.85
CA VAL A 60 3.81 -2.83 -5.48
C VAL A 60 2.27 -2.91 -5.37
N ASP A 61 1.80 -3.96 -4.71
CA ASP A 61 0.36 -4.11 -4.35
C ASP A 61 0.31 -4.27 -2.84
N PHE A 62 -0.89 -4.21 -2.31
CA PHE A 62 -1.07 -4.49 -0.86
C PHE A 62 -0.70 -5.94 -0.43
N LYS A 63 -0.78 -6.94 -1.32
CA LYS A 63 -0.23 -8.30 -0.98
C LYS A 63 1.25 -8.25 -0.65
N LYS A 64 2.04 -7.54 -1.46
CA LYS A 64 3.46 -7.39 -1.20
C LYS A 64 3.76 -6.56 0.01
N ILE A 65 2.96 -5.51 0.22
CA ILE A 65 3.20 -4.65 1.37
C ILE A 65 3.00 -5.55 2.60
N LYS A 66 1.91 -6.32 2.61
CA LYS A 66 1.64 -7.23 3.72
C LYS A 66 2.77 -8.24 3.92
N GLU A 67 3.26 -8.82 2.84
CA GLU A 67 4.43 -9.69 2.89
C GLU A 67 5.63 -8.98 3.49
N ARG A 68 5.84 -7.72 3.09
CA ARG A 68 7.01 -7.02 3.57
C ARG A 68 6.94 -6.70 5.05
N ILE A 69 5.74 -6.43 5.57
CA ILE A 69 5.52 -6.31 7.03
C ILE A 69 5.84 -7.66 7.71
N ARG A 70 5.29 -8.77 7.20
CA ARG A 70 5.49 -10.07 7.88
C ARG A 70 6.94 -10.49 7.87
N ASN A 71 7.67 -10.07 6.85
CA ASN A 71 9.09 -10.47 6.73
C ASN A 71 10.07 -9.53 7.37
N HIS A 72 9.54 -8.47 8.00
CA HIS A 72 10.33 -7.45 8.67
C HIS A 72 11.20 -6.66 7.73
N LYS A 73 10.78 -6.56 6.46
CA LYS A 73 11.56 -5.84 5.47
C LYS A 73 11.50 -4.38 5.83
N TYR A 74 10.32 -3.92 6.27
CA TYR A 74 10.19 -2.54 6.78
C TYR A 74 10.75 -2.43 8.23
N ARG A 75 11.61 -1.46 8.49
CA ARG A 75 12.27 -1.26 9.82
C ARG A 75 11.66 -0.08 10.54
N SER A 76 10.71 0.58 9.90
CA SER A 76 10.10 1.76 10.45
C SER A 76 8.73 1.96 9.73
N LEU A 77 7.94 2.85 10.28
CA LEU A 77 6.75 3.35 9.59
C LEU A 77 7.12 4.16 8.37
N ASN A 78 8.22 4.92 8.39
CA ASN A 78 8.71 5.61 7.19
C ASN A 78 8.85 4.61 6.07
N ASP A 79 9.43 3.42 6.35
CA ASP A 79 9.67 2.40 5.31
C ASP A 79 8.33 1.87 4.69
N LEU A 80 7.37 1.64 5.57
CA LEU A 80 6.02 1.26 5.11
C LEU A 80 5.36 2.39 4.31
N GLU A 81 5.46 3.63 4.81
CA GLU A 81 4.83 4.74 4.16
C GLU A 81 5.38 4.89 2.74
N LYS A 82 6.71 4.85 2.62
CA LYS A 82 7.37 4.95 1.33
C LYS A 82 6.78 3.97 0.31
N ASP A 83 6.52 2.74 0.71
CA ASP A 83 5.98 1.75 -0.19
C ASP A 83 4.48 1.94 -0.54
N VAL A 84 3.70 2.44 0.40
CA VAL A 84 2.28 2.78 0.11
C VAL A 84 2.29 4.02 -0.85
N MET A 85 3.19 5.00 -0.61
CA MET A 85 3.26 6.15 -1.48
C MET A 85 3.71 5.80 -2.91
N LEU A 86 4.56 4.77 -3.02
CA LEU A 86 5.02 4.19 -4.28
C LEU A 86 3.87 3.47 -5.02
N LEU A 87 3.07 2.72 -4.27
CA LEU A 87 1.88 2.10 -4.78
C LEU A 87 0.99 3.16 -5.43
N CYS A 88 0.81 4.29 -4.74
CA CYS A 88 -0.05 5.35 -5.21
C CYS A 88 0.57 6.08 -6.42
N GLN A 89 1.89 6.31 -6.37
CA GLN A 89 2.63 6.95 -7.46
C GLN A 89 2.58 6.12 -8.71
N ASN A 90 2.86 4.82 -8.58
CA ASN A 90 2.68 3.89 -9.71
C ASN A 90 1.31 3.86 -10.46
N ALA A 91 0.19 3.84 -9.70
CA ALA A 91 -1.16 4.20 -10.14
C ALA A 91 -1.32 5.51 -10.93
N GLN A 92 -0.74 6.58 -10.38
CA GLN A 92 -0.76 7.86 -10.99
C GLN A 92 0.11 7.98 -12.24
N THR A 93 1.04 7.04 -12.42
CA THR A 93 1.93 7.01 -13.57
C THR A 93 1.31 6.21 -14.70
N PHE A 94 0.76 5.04 -14.35
CA PHE A 94 0.15 4.13 -15.34
C PHE A 94 -1.24 4.53 -15.77
N ASN A 95 -2.00 5.14 -14.87
CA ASN A 95 -3.32 5.66 -15.22
C ASN A 95 -3.40 7.18 -15.44
N LEU A 96 -4.31 7.56 -16.33
CA LEU A 96 -4.50 8.94 -16.73
C LEU A 96 -5.17 9.64 -15.57
N GLU A 97 -4.78 10.89 -15.35
CA GLU A 97 -5.39 11.71 -14.32
C GLU A 97 -6.89 11.81 -14.59
N GLY A 98 -7.65 12.16 -13.55
CA GLY A 98 -9.11 12.10 -13.62
C GLY A 98 -9.71 10.69 -13.71
N SER A 99 -8.93 9.62 -13.99
CA SER A 99 -9.49 8.26 -14.02
C SER A 99 -9.81 7.77 -12.60
N LEU A 100 -10.66 6.74 -12.53
CA LEU A 100 -11.16 6.21 -11.27
C LEU A 100 -9.92 5.73 -10.46
N ILE A 101 -9.04 4.96 -11.11
CA ILE A 101 -7.84 4.38 -10.44
C ILE A 101 -6.82 5.45 -10.00
N TYR A 102 -6.52 6.43 -10.86
CA TYR A 102 -5.68 7.58 -10.49
C TYR A 102 -6.20 8.42 -9.33
N GLU A 103 -7.48 8.78 -9.38
CA GLU A 103 -8.06 9.58 -8.28
C GLU A 103 -8.24 8.77 -6.99
N ASP A 104 -8.56 7.50 -7.09
CA ASP A 104 -8.65 6.63 -5.88
C ASP A 104 -7.30 6.52 -5.16
N SER A 105 -6.23 6.49 -5.94
CA SER A 105 -4.87 6.34 -5.38
C SER A 105 -4.50 7.61 -4.62
N ILE A 106 -5.01 8.75 -5.09
CA ILE A 106 -4.80 10.05 -4.47
C ILE A 106 -5.47 10.08 -3.13
N VAL A 107 -6.67 9.51 -3.02
CA VAL A 107 -7.42 9.45 -1.78
C VAL A 107 -6.78 8.50 -0.77
N LEU A 108 -6.27 7.37 -1.27
CA LEU A 108 -5.61 6.43 -0.43
C LEU A 108 -4.34 6.98 0.25
N GLN A 109 -3.60 7.90 -0.39
CA GLN A 109 -2.46 8.56 0.22
C GLN A 109 -2.96 9.25 1.47
N SER A 110 -4.08 9.97 1.34
CA SER A 110 -4.61 10.75 2.44
C SER A 110 -5.15 9.89 3.57
N VAL A 111 -5.62 8.71 3.19
CA VAL A 111 -6.17 7.81 4.17
C VAL A 111 -5.03 7.18 4.93
N PHE A 112 -3.97 6.81 4.20
CA PHE A 112 -2.76 6.35 4.90
C PHE A 112 -2.24 7.37 5.94
N THR A 113 -2.16 8.61 5.56
CA THR A 113 -1.57 9.63 6.40
C THR A 113 -2.39 9.84 7.66
N SER A 114 -3.71 9.94 7.51
CA SER A 114 -4.57 10.14 8.67
C SER A 114 -4.65 8.87 9.53
N VAL A 115 -4.76 7.72 8.92
CA VAL A 115 -4.70 6.45 9.66
C VAL A 115 -3.38 6.31 10.48
N ARG A 116 -2.26 6.62 9.83
CA ARG A 116 -0.96 6.55 10.52
C ARG A 116 -0.92 7.43 11.77
N GLN A 117 -1.23 8.71 11.59
CA GLN A 117 -1.38 9.67 12.70
C GLN A 117 -2.25 9.24 13.85
N LYS A 118 -3.48 8.84 13.53
CA LYS A 118 -4.36 8.23 14.50
C LYS A 118 -3.65 7.13 15.26
N ILE A 119 -2.97 6.19 14.58
CA ILE A 119 -2.46 4.97 15.27
C ILE A 119 -1.29 5.32 16.16
N GLU A 120 -0.45 6.21 15.65
CA GLU A 120 0.72 6.68 16.38
C GLU A 120 0.30 7.52 17.55
N LYS A 121 -0.75 8.34 17.41
CA LYS A 121 -1.28 9.14 18.56
C LYS A 121 -1.82 8.32 19.76
N GLU A 122 -2.07 7.01 19.56
CA GLU A 122 -2.53 6.09 20.63
C GLU A 122 -1.46 5.71 21.67
N ASP A 123 -0.18 5.74 21.31
CA ASP A 123 0.87 5.30 22.24
C ASP A 123 1.55 6.49 22.94
CAA MB3 B . -3.77 -0.46 -9.59
OAB MB3 B . -2.65 1.15 -11.99
CAC MB3 B . -3.72 -2.15 -13.06
CAD MB3 B . -3.26 -0.73 -13.41
CAE MB3 B . -4.13 -2.07 -11.58
CAF MB3 B . -3.08 -0.01 -12.05
NAG MB3 B . -3.67 -0.75 -11.08
#